data_5VSD
#
_entry.id   5VSD
#
_cell.length_a   74.864
_cell.length_b   96.594
_cell.length_c   102.478
_cell.angle_alpha   90.000
_cell.angle_beta   90.000
_cell.angle_gamma   90.000
#
_symmetry.space_group_name_H-M   'P 21 21 21'
#
loop_
_entity.id
_entity.type
_entity.pdbx_description
1 polymer 'Histone-lysine N-methyltransferase EHMT1'
2 non-polymer S-ADENOSYLMETHIONINE
3 non-polymer 'ZINC ION'
4 non-polymer 6,7-dimethoxy-N~2~-methyl-N~4~-(1-methylpiperidin-4-yl)-N~2~-propylquinazoline-2,4-diamine
5 non-polymer '1,4-DIETHYLENE DIOXIDE'
6 non-polymer GLYCEROL
7 water water
#
_entity_poly.entity_id   1
_entity_poly.type   'polypeptide(L)'
_entity_poly.pdbx_seq_one_letter_code
;VERIVSRDIARGYERIPIPCVNAVDSEPCPSNYKYVSQNCVTSPMNIDRNITHLQYCVCIDDCSSSNCMCGQLSMRCWYD
KDGRLLPEFNMAEPPLIFECNHACSCWRNCRNRVVQNGLRARLQLYRTRDMGWGVRSLQDIPPGTFVCEYVGELISDSEA
DVREEDSYLFDLDNKDGEVYCIDARFYGNVSRFINHHCEPNLVPVRVFMAHQDLRFPRIAFFSTRLIEAGEQLGFDYGER
FWDIKGKLFSCRCGSPKCRHS
;
_entity_poly.pdbx_strand_id   A,B
#
# COMPACT_ATOMS: atom_id res chain seq x y z
N VAL A 1 29.11 23.89 -12.47
CA VAL A 1 27.85 24.60 -12.64
C VAL A 1 26.93 23.45 -12.23
N GLU A 2 26.01 23.63 -11.29
CA GLU A 2 25.18 22.50 -10.84
C GLU A 2 23.94 22.38 -11.73
N ARG A 3 23.88 21.31 -12.53
CA ARG A 3 22.76 21.02 -13.41
C ARG A 3 21.69 20.23 -12.69
N ILE A 4 20.43 20.58 -12.91
CA ILE A 4 19.31 19.79 -12.40
C ILE A 4 18.89 18.84 -13.51
N VAL A 5 19.18 17.55 -13.34
CA VAL A 5 18.87 16.54 -14.36
C VAL A 5 17.53 15.86 -14.12
N SER A 6 16.95 16.00 -12.93
CA SER A 6 15.60 15.51 -12.69
C SER A 6 15.03 16.22 -11.48
N ARG A 7 13.79 16.70 -11.58
CA ARG A 7 13.17 17.26 -10.39
C ARG A 7 12.70 16.17 -9.42
N ASP A 8 12.50 14.93 -9.88
CA ASP A 8 12.05 13.89 -8.97
C ASP A 8 12.28 12.53 -9.63
N ILE A 9 13.30 11.78 -9.17
CA ILE A 9 13.59 10.47 -9.77
C ILE A 9 12.50 9.46 -9.47
N ALA A 10 11.68 9.70 -8.46
CA ALA A 10 10.60 8.79 -8.07
C ALA A 10 9.29 9.06 -8.81
N ARG A 11 9.25 10.05 -9.69
CA ARG A 11 8.07 10.37 -10.50
C ARG A 11 6.80 10.49 -9.65
N GLY A 12 6.94 11.07 -8.45
CA GLY A 12 5.78 11.34 -7.60
C GLY A 12 5.35 10.20 -6.71
N TYR A 13 6.08 9.09 -6.67
CA TYR A 13 5.68 7.96 -5.83
C TYR A 13 6.06 8.13 -4.36
N GLU A 14 6.90 9.10 -4.01
CA GLU A 14 7.22 9.36 -2.62
C GLU A 14 6.44 10.58 -2.10
N ARG A 15 6.47 10.76 -0.78
CA ARG A 15 5.82 11.91 -0.16
C ARG A 15 6.41 13.23 -0.66
N ILE A 16 7.70 13.23 -0.98
CA ILE A 16 8.37 14.43 -1.47
C ILE A 16 9.16 14.05 -2.71
N PRO A 17 9.51 15.04 -3.53
CA PRO A 17 10.35 14.71 -4.70
C PRO A 17 11.77 14.37 -4.26
N ILE A 18 12.43 13.57 -5.09
CA ILE A 18 13.86 13.30 -4.88
C ILE A 18 14.56 13.80 -6.13
N PRO A 19 15.02 15.05 -6.16
CA PRO A 19 15.68 15.57 -7.36
C PRO A 19 17.04 14.91 -7.56
N CYS A 20 17.59 15.10 -8.76
CA CYS A 20 18.91 14.62 -9.10
C CYS A 20 19.67 15.79 -9.69
N VAL A 21 20.88 16.05 -9.19
CA VAL A 21 21.70 17.14 -9.69
C VAL A 21 23.08 16.60 -10.03
N ASN A 22 23.77 17.28 -10.95
CA ASN A 22 25.11 16.89 -11.34
C ASN A 22 25.95 18.15 -11.51
N ALA A 23 26.89 18.36 -10.57
CA ALA A 23 27.84 19.47 -10.67
C ALA A 23 29.23 18.99 -11.06
N VAL A 24 29.36 17.76 -11.60
CA VAL A 24 30.65 17.11 -11.79
C VAL A 24 30.96 16.83 -13.27
N ASP A 25 30.02 16.21 -13.99
CA ASP A 25 30.28 15.72 -15.35
C ASP A 25 29.00 15.78 -16.19
N SER A 26 29.03 15.03 -17.32
CA SER A 26 28.05 15.04 -18.40
C SER A 26 26.89 14.11 -18.13
N GLU A 27 27.04 13.32 -17.09
CA GLU A 27 26.22 12.15 -16.99
C GLU A 27 24.77 12.56 -16.76
N PRO A 28 23.83 12.09 -17.59
CA PRO A 28 22.42 12.38 -17.32
C PRO A 28 21.96 11.53 -16.16
N CYS A 29 20.75 11.84 -15.71
CA CYS A 29 20.11 11.10 -14.64
C CYS A 29 20.11 9.61 -14.95
N PRO A 30 20.46 8.74 -13.99
CA PRO A 30 20.51 7.31 -14.26
C PRO A 30 19.16 6.79 -14.71
N SER A 31 19.19 5.89 -15.71
CA SER A 31 17.94 5.34 -16.24
C SER A 31 18.05 3.86 -16.56
N ASN A 32 19.07 3.16 -16.08
CA ASN A 32 19.26 1.75 -16.38
C ASN A 32 18.63 0.86 -15.31
N TYR A 33 17.65 1.39 -14.58
CA TYR A 33 16.93 0.65 -13.55
C TYR A 33 15.51 1.22 -13.56
N LYS A 34 14.61 0.56 -12.84
CA LYS A 34 13.25 1.07 -12.67
C LYS A 34 13.05 1.47 -11.21
N TYR A 35 12.70 2.72 -10.97
CA TYR A 35 12.45 3.17 -9.61
C TYR A 35 11.14 2.57 -9.10
N VAL A 36 11.18 1.93 -7.94
CA VAL A 36 9.97 1.52 -7.23
C VAL A 36 10.07 1.96 -5.78
N SER A 37 8.95 2.39 -5.20
CA SER A 37 8.96 2.88 -3.84
C SER A 37 8.77 1.77 -2.80
N GLN A 38 8.30 0.59 -3.22
CA GLN A 38 8.15 -0.57 -2.35
C GLN A 38 8.73 -1.81 -3.04
N ASN A 39 9.12 -2.81 -2.22
CA ASN A 39 9.73 -4.03 -2.72
C ASN A 39 8.83 -4.74 -3.72
N CYS A 40 9.47 -5.39 -4.68
CA CYS A 40 8.77 -6.17 -5.71
C CYS A 40 9.39 -7.55 -5.80
N VAL A 41 8.79 -8.41 -6.63
CA VAL A 41 9.33 -9.74 -6.90
C VAL A 41 9.26 -10.01 -8.40
N THR A 42 10.15 -10.88 -8.88
CA THR A 42 9.94 -11.49 -10.18
C THR A 42 9.41 -12.88 -9.87
N SER A 43 10.32 -13.82 -9.60
CA SER A 43 9.92 -15.14 -9.16
C SER A 43 9.15 -15.04 -7.85
N PRO A 44 8.12 -15.86 -7.65
CA PRO A 44 7.27 -15.68 -6.47
C PRO A 44 8.01 -15.94 -5.17
N MET A 45 7.72 -15.10 -4.19
CA MET A 45 8.13 -15.31 -2.81
C MET A 45 6.86 -15.60 -2.04
N ASN A 46 6.82 -16.76 -1.41
CA ASN A 46 5.63 -17.21 -0.71
C ASN A 46 5.56 -16.57 0.66
N ILE A 47 5.64 -15.23 0.71
CA ILE A 47 5.53 -14.50 1.98
C ILE A 47 4.24 -14.87 2.67
N ASP A 48 4.32 -15.22 3.94
CA ASP A 48 3.13 -15.60 4.70
C ASP A 48 2.33 -14.33 5.02
N ARG A 49 1.18 -14.17 4.36
CA ARG A 49 0.33 -13.01 4.58
C ARG A 49 -1.03 -13.39 5.18
N ASN A 50 -1.12 -14.56 5.81
CA ASN A 50 -2.33 -14.96 6.51
C ASN A 50 -2.60 -14.01 7.67
N ILE A 51 -3.70 -13.26 7.60
CA ILE A 51 -3.94 -12.21 8.58
C ILE A 51 -4.03 -12.78 9.99
N THR A 52 -4.49 -14.04 10.14
CA THR A 52 -4.56 -14.63 11.48
C THR A 52 -3.19 -15.04 12.01
N HIS A 53 -2.12 -14.91 11.23
CA HIS A 53 -0.80 -15.21 11.76
C HIS A 53 -0.10 -13.98 12.30
N LEU A 54 -0.71 -12.80 12.16
CA LEU A 54 -0.14 -11.60 12.75
C LEU A 54 -0.29 -11.60 14.26
N GLN A 55 0.79 -11.30 14.96
CA GLN A 55 0.67 -10.90 16.35
C GLN A 55 0.30 -9.43 16.38
N TYR A 56 -0.52 -9.06 17.36
CA TYR A 56 -1.12 -7.72 17.40
C TYR A 56 -1.32 -7.31 18.85
N CYS A 57 -1.62 -6.03 19.06
CA CYS A 57 -1.85 -5.46 20.38
C CYS A 57 -3.33 -5.14 20.59
N VAL A 58 -3.71 -4.98 21.85
CA VAL A 58 -5.11 -4.69 22.18
C VAL A 58 -5.21 -3.32 22.82
N CYS A 59 -4.28 -2.42 22.51
CA CYS A 59 -4.18 -1.15 23.19
C CYS A 59 -5.42 -0.29 23.02
N ILE A 60 -5.80 0.37 24.11
CA ILE A 60 -6.91 1.31 24.13
C ILE A 60 -6.44 2.76 24.02
N ASP A 61 -5.13 2.99 23.95
CA ASP A 61 -4.56 4.31 23.82
C ASP A 61 -3.84 4.44 22.46
N ASP A 62 -2.79 5.25 22.41
CA ASP A 62 -1.97 5.45 21.21
C ASP A 62 -0.72 4.57 21.21
N CYS A 63 -0.73 3.49 22.00
CA CYS A 63 0.37 2.53 22.07
C CYS A 63 1.65 3.16 22.63
N SER A 64 1.51 4.17 23.48
CA SER A 64 2.66 4.74 24.15
C SER A 64 2.87 4.17 25.56
N SER A 65 2.05 3.20 25.96
CA SER A 65 2.13 2.67 27.31
C SER A 65 3.08 1.47 27.39
N SER A 66 3.43 1.13 28.62
CA SER A 66 4.25 -0.04 28.90
C SER A 66 3.57 -1.33 28.45
N ASN A 67 2.25 -1.32 28.30
CA ASN A 67 1.48 -2.53 27.99
C ASN A 67 1.27 -2.81 26.51
N CYS A 68 1.83 -2.05 25.57
CA CYS A 68 1.56 -2.39 24.17
C CYS A 68 2.25 -3.71 23.80
N MET A 69 1.47 -4.68 23.29
CA MET A 69 2.06 -5.99 23.04
C MET A 69 3.01 -5.98 21.84
N CYS A 70 2.78 -5.09 20.89
CA CYS A 70 3.69 -4.93 19.75
C CYS A 70 5.05 -4.39 20.18
N GLY A 71 5.04 -3.42 21.09
CA GLY A 71 6.29 -2.95 21.67
C GLY A 71 7.04 -4.04 22.42
N GLN A 72 6.30 -4.94 23.06
CA GLN A 72 6.93 -6.02 23.80
C GLN A 72 7.72 -6.95 22.88
N LEU A 73 7.26 -7.14 21.64
CA LEU A 73 7.96 -7.96 20.66
C LEU A 73 9.41 -7.50 20.41
N SER A 74 9.74 -6.23 20.65
CA SER A 74 11.12 -5.72 20.65
C SER A 74 11.65 -5.45 22.06
N MET A 75 10.98 -5.97 23.08
CA MET A 75 11.05 -5.67 24.50
C MET A 75 10.44 -4.31 24.80
N ARG A 76 10.65 -3.31 23.94
CA ARG A 76 9.84 -2.09 24.08
C ARG A 76 9.72 -1.38 22.74
N CYS A 77 8.70 -0.54 22.65
CA CYS A 77 8.60 0.38 21.53
C CYS A 77 9.77 1.36 21.58
N TRP A 78 10.50 1.46 20.48
CA TRP A 78 11.69 2.29 20.43
C TRP A 78 11.44 3.68 19.88
N TYR A 79 10.21 4.02 19.55
CA TYR A 79 9.88 5.30 18.95
C TYR A 79 9.36 6.27 20.00
N ASP A 80 9.84 7.50 19.97
CA ASP A 80 9.31 8.57 20.82
C ASP A 80 8.16 9.29 20.11
N LYS A 81 7.64 10.35 20.72
CA LYS A 81 6.46 11.04 20.18
C LYS A 81 6.74 11.66 18.81
N ASP A 82 8.00 11.93 18.48
CA ASP A 82 8.34 12.47 17.18
C ASP A 82 8.73 11.39 16.18
N GLY A 83 8.57 10.12 16.54
CA GLY A 83 8.92 9.04 15.64
C GLY A 83 10.39 8.69 15.60
N ARG A 84 11.20 9.20 16.51
CA ARG A 84 12.63 8.93 16.53
C ARG A 84 12.96 7.84 17.54
N LEU A 85 14.00 7.07 17.21
CA LEU A 85 14.48 6.01 18.09
C LEU A 85 14.92 6.63 19.42
N LEU A 86 14.58 5.96 20.52
CA LEU A 86 14.98 6.45 21.85
C LEU A 86 16.50 6.48 21.98
N PRO A 87 17.04 7.38 22.81
CA PRO A 87 18.50 7.44 22.98
C PRO A 87 19.12 6.10 23.36
N GLU A 88 18.39 5.26 24.11
CA GLU A 88 18.87 3.96 24.54
C GLU A 88 18.92 2.92 23.43
N PHE A 89 18.39 3.23 22.25
CA PHE A 89 18.42 2.29 21.13
C PHE A 89 19.85 1.89 20.81
N ASN A 90 20.08 0.59 20.68
CA ASN A 90 21.44 0.03 20.51
C ASN A 90 21.80 0.06 19.02
N MET A 91 22.46 1.13 18.60
CA MET A 91 22.84 1.28 17.19
C MET A 91 23.82 0.21 16.75
N ALA A 92 24.61 -0.34 17.67
CA ALA A 92 25.59 -1.36 17.34
C ALA A 92 24.97 -2.75 17.18
N GLU A 93 23.79 -2.98 17.77
CA GLU A 93 23.13 -4.28 17.72
C GLU A 93 21.62 -4.07 17.76
N PRO A 94 21.03 -3.60 16.66
CA PRO A 94 19.62 -3.17 16.68
C PRO A 94 18.70 -4.35 16.86
N PRO A 95 17.63 -4.20 17.64
CA PRO A 95 16.62 -5.25 17.73
C PRO A 95 15.73 -5.26 16.49
N LEU A 96 14.98 -6.36 16.35
CA LEU A 96 13.87 -6.38 15.40
C LEU A 96 12.76 -5.47 15.90
N ILE A 97 12.23 -4.64 15.02
CA ILE A 97 11.11 -3.77 15.35
C ILE A 97 9.84 -4.36 14.73
N PHE A 98 8.81 -4.55 15.57
CA PHE A 98 7.49 -4.95 15.11
C PHE A 98 6.56 -3.75 15.27
N GLU A 99 6.21 -3.12 14.14
CA GLU A 99 5.27 -2.00 14.14
C GLU A 99 3.84 -2.54 14.24
N CYS A 100 2.92 -1.66 14.62
CA CYS A 100 1.53 -2.09 14.63
C CYS A 100 1.02 -2.35 13.21
N ASN A 101 -0.08 -3.09 13.13
CA ASN A 101 -0.58 -3.56 11.86
C ASN A 101 -2.10 -3.52 11.90
N HIS A 102 -2.73 -3.93 10.80
CA HIS A 102 -4.18 -3.83 10.75
C HIS A 102 -4.89 -4.84 11.64
N ALA A 103 -4.19 -5.81 12.22
CA ALA A 103 -4.84 -6.66 13.21
C ALA A 103 -4.89 -6.04 14.61
N CYS A 104 -4.09 -5.00 14.88
CA CYS A 104 -4.15 -4.40 16.20
C CYS A 104 -5.45 -3.63 16.41
N SER A 105 -5.79 -3.42 17.68
CA SER A 105 -6.97 -2.68 18.09
C SER A 105 -6.75 -1.17 18.03
N CYS A 106 -5.50 -0.73 17.98
CA CYS A 106 -5.15 0.69 17.98
C CYS A 106 -5.58 1.37 16.67
N TRP A 107 -5.40 2.68 16.63
CA TRP A 107 -5.72 3.46 15.45
C TRP A 107 -4.49 3.58 14.55
N ARG A 108 -4.74 3.98 13.30
CA ARG A 108 -3.67 4.09 12.31
C ARG A 108 -2.65 5.17 12.67
N ASN A 109 -2.99 6.10 13.56
CA ASN A 109 -2.08 7.17 13.97
C ASN A 109 -1.39 6.90 15.30
N CYS A 110 -1.31 5.63 15.70
CA CYS A 110 -0.67 5.29 16.97
C CYS A 110 0.84 5.51 16.89
N ARG A 111 1.47 5.47 18.08
CA ARG A 111 2.89 5.77 18.24
C ARG A 111 3.81 4.77 17.52
N ASN A 112 3.40 3.51 17.45
CA ASN A 112 4.24 2.41 16.94
C ASN A 112 4.10 2.23 15.45
N ARG A 113 4.17 3.33 14.71
CA ARG A 113 4.07 3.28 13.26
C ARG A 113 4.96 4.39 12.71
N VAL A 114 6.08 4.01 12.10
CA VAL A 114 7.02 5.00 11.59
C VAL A 114 7.46 4.60 10.19
N VAL A 115 8.07 3.42 10.07
CA VAL A 115 8.54 2.97 8.76
C VAL A 115 7.36 2.77 7.83
N GLN A 116 6.22 2.31 8.35
CA GLN A 116 5.08 2.13 7.46
C GLN A 116 4.50 3.44 6.95
N ASN A 117 4.89 4.58 7.52
CA ASN A 117 4.42 5.87 7.02
C ASN A 117 5.27 6.39 5.87
N GLY A 118 6.35 5.73 5.53
CA GLY A 118 7.08 5.99 4.31
C GLY A 118 8.15 7.07 4.46
N LEU A 119 8.92 7.22 3.40
CA LEU A 119 10.02 8.19 3.41
C LEU A 119 9.48 9.60 3.57
N ARG A 120 10.09 10.37 4.48
CA ARG A 120 9.73 11.75 4.74
C ARG A 120 10.88 12.74 4.53
N ALA A 121 12.12 12.34 4.79
CA ALA A 121 13.25 13.26 4.73
C ALA A 121 13.48 13.79 3.31
N ARG A 122 14.00 15.01 3.22
CA ARG A 122 14.28 15.64 1.92
C ARG A 122 15.66 15.20 1.45
N LEU A 123 15.69 14.30 0.47
CA LEU A 123 16.91 13.71 -0.06
C LEU A 123 17.17 14.17 -1.49
N GLN A 124 18.40 13.96 -1.94
CA GLN A 124 18.72 14.40 -3.29
C GLN A 124 19.80 13.47 -3.84
N LEU A 125 19.56 12.97 -5.05
CA LEU A 125 20.58 12.23 -5.78
C LEU A 125 21.55 13.23 -6.39
N TYR A 126 22.86 12.98 -6.24
CA TYR A 126 23.82 13.92 -6.78
C TYR A 126 25.07 13.18 -7.26
N ARG A 127 25.85 13.85 -8.09
CA ARG A 127 27.05 13.25 -8.65
C ARG A 127 28.21 13.59 -7.74
N THR A 128 28.80 12.58 -7.12
CA THR A 128 30.04 12.74 -6.36
C THR A 128 31.23 12.84 -7.29
N ARG A 129 32.33 13.34 -6.73
CA ARG A 129 33.56 13.44 -7.52
C ARG A 129 34.22 12.09 -7.81
N ASP A 130 34.16 11.12 -6.89
CA ASP A 130 34.90 9.88 -7.17
C ASP A 130 34.19 8.59 -6.79
N MET A 131 32.90 8.63 -6.45
CA MET A 131 32.15 7.42 -6.11
C MET A 131 30.85 7.34 -6.91
N GLY A 132 30.83 7.88 -8.14
CA GLY A 132 29.62 7.82 -8.95
C GLY A 132 28.50 8.67 -8.36
N TRP A 133 27.28 8.16 -8.45
CA TRP A 133 26.17 8.83 -7.79
C TRP A 133 26.16 8.53 -6.30
N GLY A 134 25.68 9.51 -5.52
CA GLY A 134 25.43 9.33 -4.11
C GLY A 134 24.13 10.02 -3.73
N VAL A 135 23.75 9.88 -2.46
CA VAL A 135 22.57 10.52 -1.92
C VAL A 135 22.98 11.41 -0.76
N ARG A 136 22.47 12.63 -0.75
CA ARG A 136 22.70 13.59 0.33
C ARG A 136 21.36 14.02 0.92
N SER A 137 21.41 14.52 2.15
CA SER A 137 20.25 15.14 2.77
C SER A 137 20.23 16.64 2.50
N LEU A 138 19.04 17.17 2.21
CA LEU A 138 18.89 18.61 2.02
C LEU A 138 18.56 19.34 3.32
N GLN A 139 18.33 18.60 4.39
CA GLN A 139 17.89 19.13 5.67
C GLN A 139 18.74 18.51 6.77
N ASP A 140 18.73 19.15 7.94
CA ASP A 140 19.25 18.50 9.13
C ASP A 140 18.37 17.31 9.49
N ILE A 141 19.00 16.20 9.86
CA ILE A 141 18.28 15.01 10.31
C ILE A 141 18.73 14.69 11.73
N PRO A 142 17.86 14.82 12.73
CA PRO A 142 18.25 14.50 14.09
C PRO A 142 18.59 13.02 14.22
N PRO A 143 19.32 12.65 15.28
CA PRO A 143 19.63 11.23 15.50
C PRO A 143 18.36 10.41 15.64
N GLY A 144 18.46 9.15 15.19
CA GLY A 144 17.37 8.22 15.38
C GLY A 144 16.18 8.43 14.47
N THR A 145 16.34 9.21 13.39
CA THR A 145 15.25 9.47 12.46
C THR A 145 15.20 8.41 11.36
N PHE A 146 13.98 7.98 11.02
CA PHE A 146 13.83 7.12 9.83
C PHE A 146 14.16 7.91 8.58
N VAL A 147 15.11 7.43 7.79
CA VAL A 147 15.54 8.15 6.60
C VAL A 147 14.94 7.54 5.34
N CYS A 148 15.23 6.26 5.09
CA CYS A 148 14.70 5.58 3.91
C CYS A 148 14.80 4.07 4.10
N GLU A 149 14.02 3.37 3.30
CA GLU A 149 14.04 1.90 3.24
C GLU A 149 14.95 1.42 2.10
N TYR A 150 15.67 0.32 2.36
CA TYR A 150 16.37 -0.36 1.27
C TYR A 150 15.34 -1.17 0.50
N VAL A 151 14.98 -0.70 -0.68
CA VAL A 151 13.88 -1.25 -1.46
C VAL A 151 14.42 -1.82 -2.76
N GLY A 152 13.94 -3.01 -3.15
CA GLY A 152 14.31 -3.59 -4.41
C GLY A 152 13.53 -4.85 -4.69
N GLU A 153 14.17 -5.78 -5.41
CA GLU A 153 13.60 -7.06 -5.81
C GLU A 153 13.95 -8.12 -4.79
N LEU A 154 12.93 -8.76 -4.19
CA LEU A 154 13.18 -9.81 -3.22
C LEU A 154 13.49 -11.11 -3.97
N ILE A 155 14.65 -11.70 -3.68
CA ILE A 155 15.12 -12.89 -4.38
C ILE A 155 15.68 -13.90 -3.38
N SER A 156 15.72 -15.16 -3.80
CA SER A 156 16.30 -16.21 -2.96
C SER A 156 17.81 -16.14 -2.95
N ASP A 157 18.39 -16.81 -1.96
CA ASP A 157 19.84 -16.95 -1.87
C ASP A 157 20.41 -17.66 -3.10
N SER A 158 19.72 -18.70 -3.58
CA SER A 158 20.19 -19.40 -4.77
C SER A 158 20.07 -18.54 -6.03
N GLU A 159 19.10 -17.63 -6.07
CA GLU A 159 18.99 -16.73 -7.21
C GLU A 159 20.11 -15.69 -7.20
N ALA A 160 20.41 -15.12 -6.04
CA ALA A 160 21.55 -14.20 -5.93
C ALA A 160 22.85 -14.89 -6.32
N ASP A 161 22.96 -16.20 -6.07
CA ASP A 161 24.16 -16.96 -6.42
C ASP A 161 24.48 -16.92 -7.91
N VAL A 162 23.50 -16.70 -8.77
CA VAL A 162 23.70 -16.77 -10.21
C VAL A 162 23.48 -15.42 -10.88
N ARG A 163 23.56 -14.32 -10.14
CA ARG A 163 23.45 -12.99 -10.73
C ARG A 163 24.83 -12.34 -10.81
N GLU A 164 25.20 -11.90 -12.01
CA GLU A 164 26.52 -11.31 -12.25
C GLU A 164 26.70 -10.00 -11.50
N GLU A 165 25.68 -9.15 -11.46
CA GLU A 165 25.81 -7.86 -10.79
C GLU A 165 25.38 -8.03 -9.33
N ASP A 166 26.33 -7.86 -8.42
CA ASP A 166 26.07 -8.03 -7.00
C ASP A 166 26.43 -6.78 -6.19
N SER A 167 26.64 -5.64 -6.85
CA SER A 167 26.96 -4.40 -6.16
C SER A 167 25.74 -3.70 -5.58
N TYR A 168 24.54 -4.24 -5.80
CA TYR A 168 23.31 -3.68 -5.28
C TYR A 168 22.52 -4.75 -4.55
N LEU A 169 23.21 -5.53 -3.72
CA LEU A 169 22.60 -6.60 -2.94
C LEU A 169 22.63 -6.26 -1.46
N PHE A 170 21.51 -6.54 -0.78
CA PHE A 170 21.42 -6.48 0.67
C PHE A 170 20.97 -7.84 1.18
N ASP A 171 21.74 -8.46 2.06
CA ASP A 171 21.40 -9.79 2.56
C ASP A 171 20.45 -9.64 3.75
N LEU A 172 19.37 -10.42 3.77
CA LEU A 172 18.41 -10.28 4.86
C LEU A 172 18.74 -11.12 6.11
N ASP A 173 19.44 -12.24 5.98
CA ASP A 173 19.74 -13.06 7.15
C ASP A 173 21.16 -13.61 6.97
N GLU A 178 18.31 -21.14 3.79
CA GLU A 178 17.03 -20.60 3.37
C GLU A 178 16.90 -19.11 3.74
N VAL A 179 17.75 -18.35 3.07
CA VAL A 179 17.95 -16.90 3.19
C VAL A 179 17.60 -16.20 1.90
N TYR A 180 17.32 -14.91 2.04
CA TYR A 180 16.83 -14.06 0.97
C TYR A 180 17.62 -12.76 0.89
N CYS A 181 17.47 -12.10 -0.25
CA CYS A 181 18.16 -10.85 -0.56
C CYS A 181 17.21 -9.83 -1.16
N ILE A 182 17.56 -8.57 -0.98
CA ILE A 182 16.99 -7.49 -1.76
C ILE A 182 18.02 -7.11 -2.81
N ASP A 183 17.69 -7.31 -4.09
CA ASP A 183 18.53 -6.88 -5.21
C ASP A 183 17.93 -5.61 -5.78
N ALA A 184 18.65 -4.49 -5.63
CA ALA A 184 18.18 -3.21 -6.11
C ALA A 184 18.78 -2.85 -7.47
N ARG A 185 19.38 -3.81 -8.18
CA ARG A 185 20.04 -3.51 -9.44
C ARG A 185 19.03 -3.13 -10.52
N PHE A 186 17.98 -3.92 -10.68
CA PHE A 186 17.05 -3.71 -11.78
C PHE A 186 15.81 -2.94 -11.36
N TYR A 187 15.35 -3.13 -10.13
CA TYR A 187 14.27 -2.38 -9.51
C TYR A 187 14.74 -1.94 -8.14
N GLY A 188 14.60 -0.64 -7.83
CA GLY A 188 15.02 -0.12 -6.55
C GLY A 188 14.51 1.29 -6.35
N ASN A 189 14.65 1.77 -5.11
CA ASN A 189 14.34 3.16 -4.75
C ASN A 189 15.64 3.93 -4.50
N VAL A 190 15.54 5.06 -3.80
CA VAL A 190 16.69 5.96 -3.62
C VAL A 190 17.87 5.27 -2.92
N SER A 191 17.58 4.26 -2.09
CA SER A 191 18.63 3.64 -1.28
C SER A 191 19.68 2.93 -2.11
N ARG A 192 19.36 2.54 -3.35
CA ARG A 192 20.32 1.86 -4.20
C ARG A 192 21.51 2.75 -4.54
N PHE A 193 21.40 4.05 -4.31
CA PHE A 193 22.46 4.98 -4.67
C PHE A 193 23.33 5.37 -3.48
N ILE A 194 23.00 4.87 -2.28
CA ILE A 194 23.77 5.23 -1.09
C ILE A 194 25.12 4.53 -1.10
N ASN A 195 26.18 5.31 -0.92
CA ASN A 195 27.52 4.76 -0.91
C ASN A 195 27.90 4.22 0.46
N HIS A 196 28.93 3.38 0.47
CA HIS A 196 29.40 2.81 1.71
C HIS A 196 30.26 3.80 2.48
N HIS A 197 30.09 3.81 3.81
CA HIS A 197 30.97 4.56 4.70
C HIS A 197 31.34 3.72 5.92
N CYS A 198 32.62 3.80 6.32
CA CYS A 198 33.09 2.98 7.44
C CYS A 198 32.70 3.54 8.80
N GLU A 199 32.29 4.80 8.88
CA GLU A 199 31.70 5.37 10.09
C GLU A 199 30.36 5.96 9.69
N PRO A 200 29.39 5.11 9.41
CA PRO A 200 28.21 5.56 8.66
C PRO A 200 27.24 6.38 9.50
N ASN A 201 26.55 7.30 8.84
CA ASN A 201 25.49 8.05 9.49
C ASN A 201 24.13 7.37 9.38
N LEU A 202 24.06 6.20 8.74
CA LEU A 202 22.84 5.39 8.69
C LEU A 202 23.11 3.98 9.24
N VAL A 203 22.11 3.42 9.94
CA VAL A 203 22.21 2.01 10.36
C VAL A 203 20.96 1.29 9.86
N PRO A 204 21.10 0.10 9.25
CA PRO A 204 19.91 -0.67 8.84
C PRO A 204 19.28 -1.38 10.03
N VAL A 205 17.95 -1.30 10.11
CA VAL A 205 17.17 -1.93 11.16
C VAL A 205 16.13 -2.82 10.50
N ARG A 206 16.01 -4.06 10.97
CA ARG A 206 15.01 -4.99 10.45
C ARG A 206 13.65 -4.69 11.08
N VAL A 207 12.63 -4.48 10.24
CA VAL A 207 11.31 -4.04 10.69
C VAL A 207 10.22 -4.92 10.08
N PHE A 208 9.16 -5.19 10.85
CA PHE A 208 8.01 -5.93 10.35
C PHE A 208 6.76 -5.05 10.49
N MET A 209 5.92 -5.08 9.46
CA MET A 209 4.79 -4.16 9.39
C MET A 209 3.58 -4.97 8.97
N ALA A 210 3.29 -5.03 7.68
CA ALA A 210 2.06 -5.67 7.24
C ALA A 210 2.07 -7.19 7.40
N HIS A 211 3.24 -7.82 7.45
CA HIS A 211 3.36 -9.26 7.65
C HIS A 211 4.45 -9.45 8.68
N GLN A 212 4.54 -10.66 9.22
CA GLN A 212 5.57 -10.99 10.20
C GLN A 212 6.27 -12.28 9.81
N ASP A 213 6.50 -12.45 8.52
CA ASP A 213 7.27 -13.57 8.01
C ASP A 213 8.73 -13.25 8.27
N LEU A 214 9.33 -13.93 9.25
CA LEU A 214 10.69 -13.61 9.72
C LEU A 214 11.75 -13.84 8.64
N ARG A 215 11.42 -14.56 7.56
CA ARG A 215 12.35 -14.67 6.45
C ARG A 215 12.50 -13.36 5.68
N PHE A 216 11.55 -12.44 5.82
CA PHE A 216 11.47 -11.25 4.97
C PHE A 216 11.35 -9.96 5.79
N PRO A 217 12.34 -9.64 6.63
CA PRO A 217 12.35 -8.31 7.25
C PRO A 217 12.46 -7.24 6.19
N ARG A 218 11.92 -6.07 6.49
CA ARG A 218 12.21 -4.92 5.64
C ARG A 218 13.32 -4.09 6.28
N ILE A 219 14.12 -3.43 5.46
CA ILE A 219 15.36 -2.81 5.91
C ILE A 219 15.16 -1.30 5.98
N ALA A 220 15.14 -0.75 7.19
CA ALA A 220 14.89 0.67 7.41
C ALA A 220 16.18 1.31 7.89
N PHE A 221 16.63 2.34 7.17
CA PHE A 221 17.80 3.10 7.59
C PHE A 221 17.39 4.20 8.56
N PHE A 222 18.03 4.22 9.72
CA PHE A 222 17.86 5.28 10.68
C PHE A 222 19.19 6.01 10.82
N SER A 223 19.11 7.30 11.14
CA SER A 223 20.32 8.07 11.38
C SER A 223 20.97 7.68 12.70
N THR A 224 22.32 7.57 12.68
CA THR A 224 23.11 7.20 13.84
C THR A 224 23.56 8.42 14.64
N ARG A 225 23.36 9.61 14.10
CA ARG A 225 23.82 10.87 14.67
C ARG A 225 23.06 11.97 13.96
N LEU A 226 23.26 13.20 14.41
CA LEU A 226 22.76 14.34 13.66
C LEU A 226 23.43 14.39 12.30
N ILE A 227 22.63 14.30 11.24
CA ILE A 227 23.12 14.46 9.87
C ILE A 227 22.86 15.88 9.44
N GLU A 228 23.91 16.54 8.95
CA GLU A 228 23.89 17.95 8.65
C GLU A 228 23.33 18.14 7.25
N ALA A 229 22.62 19.26 7.03
CA ALA A 229 22.07 19.53 5.72
C ALA A 229 23.23 19.59 4.71
N GLY A 230 23.08 18.85 3.61
CA GLY A 230 24.10 18.73 2.59
C GLY A 230 25.01 17.52 2.71
N GLU A 231 25.00 16.82 3.85
CA GLU A 231 25.88 15.68 4.07
C GLU A 231 25.46 14.49 3.22
N GLN A 232 26.46 13.74 2.74
CA GLN A 232 26.14 12.53 1.99
C GLN A 232 25.74 11.41 2.96
N LEU A 233 24.72 10.65 2.59
CA LEU A 233 24.33 9.51 3.40
C LEU A 233 25.26 8.33 3.14
N GLY A 234 25.45 7.52 4.17
CA GLY A 234 26.23 6.31 4.03
C GLY A 234 25.80 5.25 5.01
N PHE A 235 25.92 3.99 4.59
CA PHE A 235 25.81 2.88 5.52
C PHE A 235 26.97 1.92 5.29
N ASP A 236 27.13 1.01 6.24
CA ASP A 236 28.23 0.05 6.23
C ASP A 236 27.73 -1.16 5.44
N TYR A 237 28.28 -1.35 4.23
CA TYR A 237 27.85 -2.48 3.38
C TYR A 237 28.20 -3.81 4.01
N GLY A 238 29.17 -3.84 4.93
CA GLY A 238 29.51 -5.08 5.61
C GLY A 238 30.64 -5.87 4.97
N GLU A 239 31.00 -6.95 5.66
CA GLU A 239 32.20 -7.70 5.32
C GLU A 239 32.03 -8.54 4.06
N ARG A 240 30.83 -9.04 3.78
CA ARG A 240 30.66 -9.86 2.59
C ARG A 240 30.91 -9.03 1.33
N PHE A 241 30.39 -7.80 1.28
CA PHE A 241 30.64 -6.92 0.14
C PHE A 241 32.13 -6.70 -0.06
N TRP A 242 32.84 -6.36 1.03
CA TRP A 242 34.24 -5.99 0.89
C TRP A 242 35.14 -7.21 0.75
N ASP A 243 34.73 -8.35 1.28
CA ASP A 243 35.49 -9.57 1.02
C ASP A 243 35.54 -9.85 -0.48
N ILE A 244 34.49 -9.49 -1.20
CA ILE A 244 34.40 -9.68 -2.65
C ILE A 244 34.99 -8.51 -3.41
N LYS A 245 34.55 -7.28 -3.10
CA LYS A 245 34.95 -6.12 -3.91
C LYS A 245 36.32 -5.58 -3.53
N GLY A 246 36.85 -5.90 -2.36
CA GLY A 246 38.20 -5.49 -2.02
C GLY A 246 39.24 -5.99 -3.00
N LYS A 247 38.93 -7.09 -3.68
CA LYS A 247 39.80 -7.63 -4.72
C LYS A 247 39.91 -6.68 -5.91
N LEU A 248 38.89 -5.86 -6.14
CA LEU A 248 38.80 -5.02 -7.33
C LEU A 248 39.09 -3.55 -7.05
N PHE A 249 38.64 -3.02 -5.93
CA PHE A 249 38.90 -1.64 -5.58
C PHE A 249 38.90 -1.49 -4.06
N SER A 250 39.48 -0.40 -3.59
CA SER A 250 39.55 -0.13 -2.17
C SER A 250 38.55 0.97 -1.79
N CYS A 251 38.25 1.04 -0.50
CA CYS A 251 37.25 1.97 -0.01
C CYS A 251 37.71 3.41 -0.18
N ARG A 252 36.81 4.27 -0.65
CA ARG A 252 37.09 5.69 -0.81
C ARG A 252 36.25 6.57 0.11
N CYS A 253 35.72 5.99 1.19
CA CYS A 253 34.91 6.78 2.11
C CYS A 253 35.72 7.91 2.74
N GLY A 254 37.02 7.73 2.86
CA GLY A 254 37.87 8.78 3.39
C GLY A 254 37.92 8.88 4.89
N SER A 255 37.35 7.93 5.61
CA SER A 255 37.36 8.00 7.07
C SER A 255 38.78 7.83 7.59
N PRO A 256 39.20 8.62 8.58
CA PRO A 256 40.48 8.38 9.25
C PRO A 256 40.55 7.03 9.94
N LYS A 257 39.41 6.37 10.18
CA LYS A 257 39.38 5.00 10.70
C LYS A 257 38.84 4.04 9.66
N CYS A 258 39.06 4.32 8.38
CA CYS A 258 38.48 3.49 7.34
C CYS A 258 39.03 2.07 7.46
N ARG A 259 38.16 1.09 7.26
CA ARG A 259 38.50 -0.31 7.53
C ARG A 259 38.70 -1.12 6.27
N HIS A 260 38.57 -0.49 5.10
CA HIS A 260 38.67 -1.22 3.84
C HIS A 260 39.51 -0.47 2.82
N SER A 261 40.35 0.46 3.28
CA SER A 261 41.18 1.23 2.37
C SER A 261 42.40 0.42 1.93
N VAL B 1 -33.79 11.14 18.29
CA VAL B 1 -32.43 11.39 18.74
C VAL B 1 -31.45 10.45 18.05
N GLU B 2 -30.51 11.04 17.31
CA GLU B 2 -29.48 10.30 16.59
C GLU B 2 -28.24 10.20 17.46
N ARG B 3 -27.95 9.01 17.97
CA ARG B 3 -26.75 8.81 18.78
C ARG B 3 -25.56 8.47 17.88
N ILE B 4 -24.41 9.04 18.22
CA ILE B 4 -23.17 8.71 17.54
C ILE B 4 -22.55 7.55 18.31
N VAL B 5 -22.55 6.36 17.69
CA VAL B 5 -22.01 5.17 18.35
C VAL B 5 -20.57 4.88 17.96
N SER B 6 -20.03 5.55 16.95
CA SER B 6 -18.61 5.47 16.61
C SER B 6 -18.25 6.70 15.80
N ARG B 7 -17.16 7.37 16.18
CA ARG B 7 -16.73 8.49 15.36
C ARG B 7 -16.01 8.02 14.08
N ASP B 8 -15.52 6.79 14.04
CA ASP B 8 -14.87 6.28 12.82
C ASP B 8 -14.76 4.76 12.88
N ILE B 9 -15.57 4.05 12.09
CA ILE B 9 -15.51 2.59 12.13
C ILE B 9 -14.18 2.09 11.57
N ALA B 10 -13.47 2.91 10.79
CA ALA B 10 -12.20 2.52 10.18
C ALA B 10 -10.99 2.81 11.06
N ARG B 11 -11.17 3.45 12.21
CA ARG B 11 -10.06 3.72 13.15
C ARG B 11 -8.86 4.35 12.43
N GLY B 12 -9.14 5.28 11.53
CA GLY B 12 -8.13 6.09 10.87
C GLY B 12 -7.49 5.49 9.64
N TYR B 13 -7.90 4.30 9.21
CA TYR B 13 -7.30 3.65 8.05
C TYR B 13 -7.80 4.21 6.73
N GLU B 14 -8.85 5.02 6.72
CA GLU B 14 -9.27 5.71 5.52
C GLU B 14 -8.79 7.16 5.57
N ARG B 15 -8.88 7.83 4.41
CA ARG B 15 -8.48 9.23 4.28
C ARG B 15 -9.30 10.14 5.19
N ILE B 16 -10.56 9.79 5.40
CA ILE B 16 -11.48 10.53 6.27
C ILE B 16 -12.16 9.51 7.17
N PRO B 17 -12.74 9.95 8.29
CA PRO B 17 -13.49 9.00 9.14
C PRO B 17 -14.80 8.56 8.50
N ILE B 18 -15.25 7.37 8.93
CA ILE B 18 -16.57 6.84 8.58
C ILE B 18 -17.33 6.65 9.88
N PRO B 19 -18.07 7.66 10.35
CA PRO B 19 -18.79 7.52 11.62
C PRO B 19 -19.96 6.56 11.49
N CYS B 20 -20.48 6.17 12.65
CA CYS B 20 -21.64 5.30 12.73
C CYS B 20 -22.65 5.92 13.68
N VAL B 21 -23.90 6.04 13.22
CA VAL B 21 -24.96 6.63 14.02
C VAL B 21 -26.14 5.67 14.08
N ASN B 22 -26.94 5.79 15.13
CA ASN B 22 -28.12 4.95 15.30
C ASN B 22 -29.25 5.83 15.83
N ALA B 23 -30.23 6.12 14.97
CA ALA B 23 -31.43 6.86 15.35
C ALA B 23 -32.65 5.98 15.41
N VAL B 24 -32.48 4.66 15.48
CA VAL B 24 -33.56 3.69 15.36
C VAL B 24 -33.72 2.88 16.65
N ASP B 25 -32.63 2.32 17.16
CA ASP B 25 -32.75 1.40 18.29
C ASP B 25 -31.50 1.50 19.15
N SER B 26 -31.35 0.53 20.06
CA SER B 26 -30.29 0.55 21.05
C SER B 26 -29.05 -0.24 20.62
N GLU B 27 -29.01 -0.72 19.38
CA GLU B 27 -27.90 -1.53 18.92
C GLU B 27 -26.60 -0.74 18.93
N PRO B 28 -25.53 -1.26 19.53
CA PRO B 28 -24.23 -0.58 19.46
C PRO B 28 -23.59 -0.75 18.09
N CYS B 29 -22.50 -0.01 17.89
CA CYS B 29 -21.74 -0.11 16.65
C CYS B 29 -21.32 -1.57 16.40
N PRO B 30 -21.48 -2.07 15.18
CA PRO B 30 -21.14 -3.48 14.92
C PRO B 30 -19.68 -3.77 15.25
N SER B 31 -19.44 -4.93 15.88
CA SER B 31 -18.08 -5.28 16.27
C SER B 31 -17.75 -6.75 16.05
N ASN B 32 -18.57 -7.48 15.31
CA ASN B 32 -18.37 -8.91 15.08
C ASN B 32 -17.56 -9.15 13.81
N TYR B 33 -16.79 -8.18 13.37
CA TYR B 33 -15.93 -8.30 12.21
C TYR B 33 -14.72 -7.41 12.49
N LYS B 34 -13.70 -7.55 11.67
CA LYS B 34 -12.54 -6.67 11.72
C LYS B 34 -12.50 -5.81 10.47
N TYR B 35 -12.47 -4.48 10.66
CA TYR B 35 -12.36 -3.57 9.53
C TYR B 35 -10.97 -3.67 8.95
N VAL B 36 -10.89 -3.88 7.64
CA VAL B 36 -9.64 -3.76 6.89
C VAL B 36 -9.90 -2.88 5.68
N SER B 37 -8.94 -2.01 5.37
CA SER B 37 -9.13 -1.06 4.29
C SER B 37 -8.73 -1.62 2.94
N GLN B 38 -7.98 -2.72 2.92
CA GLN B 38 -7.58 -3.43 1.71
C GLN B 38 -7.85 -4.92 1.89
N ASN B 39 -8.00 -5.62 0.77
CA ASN B 39 -8.27 -7.05 0.81
C ASN B 39 -7.17 -7.80 1.56
N CYS B 40 -7.58 -8.87 2.25
CA CYS B 40 -6.66 -9.71 3.00
C CYS B 40 -6.90 -11.16 2.62
N VAL B 41 -6.05 -12.04 3.13
CA VAL B 41 -6.23 -13.47 2.95
C VAL B 41 -6.01 -14.19 4.27
N THR B 42 -6.62 -15.37 4.37
CA THR B 42 -6.19 -16.30 5.39
C THR B 42 -5.34 -17.32 4.66
N SER B 43 -5.99 -18.31 4.06
CA SER B 43 -5.28 -19.26 3.21
C SER B 43 -4.64 -18.53 2.05
N PRO B 44 -3.45 -18.96 1.62
CA PRO B 44 -2.71 -18.21 0.59
C PRO B 44 -3.45 -18.21 -0.75
N MET B 45 -3.40 -17.07 -1.42
CA MET B 45 -3.86 -16.95 -2.79
C MET B 45 -2.64 -16.64 -3.65
N ASN B 46 -2.39 -17.49 -4.64
CA ASN B 46 -1.19 -17.37 -5.46
C ASN B 46 -1.34 -16.27 -6.50
N ILE B 47 -1.71 -15.05 -6.07
CA ILE B 47 -1.83 -13.93 -7.01
C ILE B 47 -0.50 -13.73 -7.71
N ASP B 48 -0.54 -13.62 -9.03
CA ASP B 48 0.69 -13.40 -9.79
C ASP B 48 1.15 -11.96 -9.60
N ARG B 49 2.24 -11.76 -8.87
CA ARG B 49 2.78 -10.41 -8.66
C ARG B 49 4.16 -10.26 -9.28
N ASN B 50 4.52 -11.10 -10.25
CA ASN B 50 5.78 -10.96 -10.99
C ASN B 50 5.75 -9.62 -11.72
N ILE B 51 6.62 -8.69 -11.33
CA ILE B 51 6.54 -7.34 -11.89
C ILE B 51 6.73 -7.36 -13.42
N THR B 52 7.49 -8.33 -13.95
CA THR B 52 7.70 -8.40 -15.39
C THR B 52 6.49 -8.93 -16.15
N HIS B 53 5.45 -9.36 -15.45
CA HIS B 53 4.22 -9.77 -16.13
C HIS B 53 3.22 -8.64 -16.28
N LEU B 54 3.50 -7.48 -15.69
CA LEU B 54 2.61 -6.33 -15.87
C LEU B 54 2.74 -5.79 -17.28
N GLN B 55 1.60 -5.55 -17.92
CA GLN B 55 1.57 -4.66 -19.07
C GLN B 55 1.56 -3.22 -18.57
N TYR B 56 2.25 -2.34 -19.30
CA TYR B 56 2.46 -0.99 -18.82
C TYR B 56 2.55 -0.06 -20.02
N CYS B 57 2.48 1.24 -19.76
CA CYS B 57 2.53 2.26 -20.79
C CYS B 57 3.88 2.98 -20.77
N VAL B 58 4.18 3.64 -21.88
CA VAL B 58 5.46 4.34 -22.00
C VAL B 58 5.20 5.84 -22.17
N CYS B 59 4.09 6.31 -21.64
CA CYS B 59 3.65 7.69 -21.86
C CYS B 59 4.61 8.70 -21.25
N ILE B 60 4.85 9.77 -22.02
CA ILE B 60 5.64 10.92 -21.58
C ILE B 60 4.77 12.08 -21.11
N ASP B 61 3.44 11.95 -21.18
CA ASP B 61 2.51 12.97 -20.79
C ASP B 61 1.76 12.49 -19.53
N ASP B 62 0.52 12.93 -19.36
CA ASP B 62 -0.30 12.55 -18.22
C ASP B 62 -1.24 11.37 -18.54
N CYS B 63 -0.93 10.60 -19.58
CA CYS B 63 -1.69 9.42 -20.01
C CYS B 63 -3.09 9.78 -20.49
N SER B 64 -3.24 10.97 -21.05
CA SER B 64 -4.52 11.38 -21.61
C SER B 64 -4.64 11.13 -23.11
N SER B 65 -3.63 10.54 -23.75
CA SER B 65 -3.70 10.29 -25.18
C SER B 65 -4.16 8.87 -25.47
N SER B 66 -4.66 8.66 -26.70
CA SER B 66 -5.08 7.34 -27.14
C SER B 66 -3.93 6.36 -27.21
N ASN B 67 -2.68 6.82 -27.19
CA ASN B 67 -1.58 5.87 -27.32
C ASN B 67 -1.20 5.21 -25.99
N CYS B 68 -1.85 5.55 -24.87
CA CYS B 68 -1.48 4.92 -23.60
C CYS B 68 -1.93 3.47 -23.64
N MET B 69 -0.99 2.55 -23.40
CA MET B 69 -1.34 1.13 -23.52
C MET B 69 -2.31 0.70 -22.41
N CYS B 70 -2.24 1.38 -21.26
CA CYS B 70 -3.15 1.09 -20.14
C CYS B 70 -4.58 1.47 -20.49
N GLY B 71 -4.77 2.61 -21.17
CA GLY B 71 -6.09 2.95 -21.70
C GLY B 71 -6.55 1.96 -22.77
N GLN B 72 -5.63 1.48 -23.61
CA GLN B 72 -6.04 0.54 -24.66
C GLN B 72 -6.46 -0.82 -24.07
N LEU B 73 -5.77 -1.28 -23.02
CA LEU B 73 -6.22 -2.46 -22.29
C LEU B 73 -7.59 -2.22 -21.67
N SER B 74 -7.95 -0.97 -21.38
CA SER B 74 -9.26 -0.64 -20.82
C SER B 74 -10.26 -0.29 -21.91
N MET B 75 -9.90 -0.54 -23.17
CA MET B 75 -10.56 -0.14 -24.43
C MET B 75 -10.31 1.34 -24.67
N ARG B 76 -10.49 2.16 -23.64
CA ARG B 76 -10.02 3.54 -23.60
C ARG B 76 -9.93 3.95 -22.13
N CYS B 77 -9.15 4.99 -21.83
CA CYS B 77 -9.21 5.55 -20.49
C CYS B 77 -10.58 6.21 -20.29
N TRP B 78 -11.29 5.78 -19.25
CA TRP B 78 -12.65 6.22 -19.01
C TRP B 78 -12.73 7.37 -18.01
N TYR B 79 -11.59 7.86 -17.54
CA TYR B 79 -11.55 8.87 -16.50
C TYR B 79 -11.37 10.27 -17.07
N ASP B 80 -12.16 11.22 -16.58
CA ASP B 80 -11.89 12.61 -16.92
C ASP B 80 -10.85 13.14 -15.91
N LYS B 81 -10.53 14.43 -16.00
CA LYS B 81 -9.48 14.99 -15.15
C LYS B 81 -9.84 14.96 -13.66
N ASP B 82 -11.13 14.92 -13.32
CA ASP B 82 -11.53 14.86 -11.92
C ASP B 82 -11.68 13.42 -11.43
N GLY B 83 -11.28 12.43 -12.22
CA GLY B 83 -11.37 11.05 -11.82
C GLY B 83 -12.74 10.43 -11.98
N ARG B 84 -13.65 11.09 -12.69
CA ARG B 84 -15.00 10.57 -12.87
C ARG B 84 -15.11 9.89 -14.23
N LEU B 85 -15.95 8.86 -14.27
CA LEU B 85 -16.19 8.12 -15.50
C LEU B 85 -16.82 9.02 -16.57
N LEU B 86 -16.36 8.84 -17.80
CA LEU B 86 -16.93 9.59 -18.91
C LEU B 86 -18.40 9.18 -19.10
N PRO B 87 -19.22 10.09 -19.64
CA PRO B 87 -20.63 9.76 -19.92
C PRO B 87 -20.81 8.54 -20.81
N GLU B 88 -19.84 8.23 -21.69
CA GLU B 88 -19.94 7.11 -22.60
C GLU B 88 -19.73 5.76 -21.92
N PHE B 89 -19.24 5.75 -20.68
CA PHE B 89 -19.01 4.51 -19.95
C PHE B 89 -20.30 3.70 -19.85
N ASN B 90 -20.20 2.40 -20.13
CA ASN B 90 -21.36 1.52 -20.18
C ASN B 90 -21.65 1.01 -18.77
N MET B 91 -22.54 1.71 -18.06
CA MET B 91 -22.90 1.32 -16.70
C MET B 91 -23.62 -0.02 -16.66
N ALA B 92 -24.34 -0.37 -17.72
CA ALA B 92 -25.07 -1.64 -17.73
C ALA B 92 -24.16 -2.83 -17.99
N GLU B 93 -23.01 -2.61 -18.62
CA GLU B 93 -22.10 -3.69 -18.98
C GLU B 93 -20.68 -3.15 -18.95
N PRO B 94 -20.13 -2.91 -17.76
CA PRO B 94 -18.85 -2.18 -17.66
C PRO B 94 -17.69 -3.02 -18.17
N PRO B 95 -16.73 -2.38 -18.84
CA PRO B 95 -15.49 -3.06 -19.20
C PRO B 95 -14.59 -3.23 -17.98
N LEU B 96 -13.52 -4.00 -18.18
CA LEU B 96 -12.39 -4.01 -17.25
C LEU B 96 -11.63 -2.70 -17.33
N ILE B 97 -11.25 -2.15 -16.18
CA ILE B 97 -10.42 -0.94 -16.12
C ILE B 97 -9.01 -1.34 -15.70
N PHE B 98 -8.02 -0.96 -16.51
CA PHE B 98 -6.61 -1.16 -16.17
C PHE B 98 -6.04 0.23 -15.85
N GLU B 99 -5.79 0.48 -14.57
CA GLU B 99 -5.19 1.73 -14.16
C GLU B 99 -3.68 1.64 -14.42
N CYS B 100 -2.99 2.78 -14.47
CA CYS B 100 -1.54 2.68 -14.58
C CYS B 100 -0.95 2.10 -13.31
N ASN B 101 0.31 1.64 -13.41
CA ASN B 101 0.92 0.95 -12.28
C ASN B 101 2.38 1.39 -12.18
N HIS B 102 3.13 0.77 -11.27
CA HIS B 102 4.53 1.14 -11.04
C HIS B 102 5.47 0.68 -12.14
N ALA B 103 5.03 -0.17 -13.08
CA ALA B 103 5.86 -0.47 -14.25
C ALA B 103 5.74 0.58 -15.36
N CYS B 104 4.71 1.41 -15.34
CA CYS B 104 4.53 2.42 -16.39
C CYS B 104 5.57 3.52 -16.26
N SER B 105 5.77 4.26 -17.35
CA SER B 105 6.72 5.37 -17.40
C SER B 105 6.14 6.66 -16.83
N CYS B 106 4.82 6.77 -16.69
CA CYS B 106 4.18 7.98 -16.24
C CYS B 106 4.42 8.23 -14.75
N TRP B 107 3.95 9.39 -14.30
CA TRP B 107 4.02 9.83 -12.93
C TRP B 107 2.82 9.35 -12.15
N ARG B 108 2.95 9.41 -10.83
CA ARG B 108 1.92 8.92 -9.93
C ARG B 108 0.64 9.74 -9.99
N ASN B 109 0.68 10.95 -10.57
CA ASN B 109 -0.49 11.81 -10.71
C ASN B 109 -1.11 11.78 -12.10
N CYS B 110 -0.83 10.74 -12.90
CA CYS B 110 -1.36 10.72 -14.26
C CYS B 110 -2.87 10.50 -14.23
N ARG B 111 -3.49 10.70 -15.39
CA ARG B 111 -4.94 10.66 -15.50
C ARG B 111 -5.53 9.29 -15.14
N ASN B 112 -4.81 8.22 -15.44
CA ASN B 112 -5.33 6.85 -15.33
C ASN B 112 -5.11 6.23 -13.95
N ARG B 113 -5.42 7.00 -12.90
CA ARG B 113 -5.25 6.55 -11.53
C ARG B 113 -6.39 7.16 -10.72
N VAL B 114 -7.32 6.31 -10.29
CA VAL B 114 -8.48 6.78 -9.52
C VAL B 114 -8.70 5.83 -8.35
N VAL B 115 -8.99 4.56 -8.65
CA VAL B 115 -9.26 3.59 -7.58
C VAL B 115 -8.03 3.38 -6.71
N GLN B 116 -6.84 3.44 -7.29
CA GLN B 116 -5.65 3.26 -6.47
C GLN B 116 -5.42 4.42 -5.51
N ASN B 117 -6.17 5.50 -5.63
CA ASN B 117 -6.07 6.58 -4.67
C ASN B 117 -7.02 6.42 -3.50
N GLY B 118 -7.95 5.47 -3.55
CA GLY B 118 -8.70 5.12 -2.36
C GLY B 118 -9.94 5.97 -2.12
N LEU B 119 -10.69 5.56 -1.10
CA LEU B 119 -11.95 6.21 -0.76
C LEU B 119 -11.75 7.68 -0.42
N ARG B 120 -12.60 8.55 -1.00
CA ARG B 120 -12.58 9.98 -0.73
C ARG B 120 -13.90 10.53 -0.22
N ALA B 121 -15.03 9.98 -0.66
CA ALA B 121 -16.34 10.51 -0.30
C ALA B 121 -16.59 10.39 1.19
N ARG B 122 -17.41 11.31 1.72
CA ARG B 122 -17.81 11.28 3.12
C ARG B 122 -19.01 10.34 3.29
N LEU B 123 -18.75 9.17 3.85
CA LEU B 123 -19.78 8.16 4.08
C LEU B 123 -20.09 8.05 5.57
N GLN B 124 -21.22 7.40 5.88
CA GLN B 124 -21.63 7.23 7.26
C GLN B 124 -22.40 5.91 7.36
N LEU B 125 -22.01 5.08 8.34
CA LEU B 125 -22.76 3.88 8.69
C LEU B 125 -23.94 4.28 9.56
N TYR B 126 -25.13 3.77 9.26
CA TYR B 126 -26.28 4.18 10.05
C TYR B 126 -27.28 3.04 10.16
N ARG B 127 -28.18 3.16 11.12
CA ARG B 127 -29.19 2.14 11.37
C ARG B 127 -30.45 2.49 10.59
N THR B 128 -30.81 1.65 9.63
CA THR B 128 -32.06 1.76 8.87
C THR B 128 -33.24 1.30 9.72
N ARG B 129 -34.45 1.65 9.28
CA ARG B 129 -35.62 1.24 10.04
C ARG B 129 -35.90 -0.26 9.89
N ASP B 130 -35.66 -0.83 8.70
CA ASP B 130 -36.04 -2.23 8.49
C ASP B 130 -35.04 -3.08 7.70
N MET B 131 -33.81 -2.61 7.46
CA MET B 131 -32.81 -3.42 6.77
C MET B 131 -31.49 -3.46 7.53
N GLY B 132 -31.54 -3.43 8.87
CA GLY B 132 -30.30 -3.46 9.64
C GLY B 132 -29.48 -2.20 9.43
N TRP B 133 -28.16 -2.36 9.41
CA TRP B 133 -27.25 -1.28 9.10
C TRP B 133 -27.23 -1.02 7.59
N GLY B 134 -27.01 0.25 7.23
CA GLY B 134 -26.80 0.64 5.86
C GLY B 134 -25.71 1.70 5.81
N VAL B 135 -25.37 2.12 4.59
CA VAL B 135 -24.38 3.18 4.36
C VAL B 135 -25.05 4.29 3.56
N ARG B 136 -24.85 5.53 4.01
CA ARG B 136 -25.35 6.70 3.31
C ARG B 136 -24.17 7.61 2.97
N SER B 137 -24.38 8.44 1.96
CA SER B 137 -23.44 9.52 1.65
C SER B 137 -23.86 10.78 2.40
N LEU B 138 -22.87 11.47 2.96
CA LEU B 138 -23.13 12.72 3.67
C LEU B 138 -23.04 13.95 2.77
N GLN B 139 -22.62 13.77 1.52
CA GLN B 139 -22.36 14.84 0.57
C GLN B 139 -23.00 14.47 -0.77
N ASP B 140 -23.15 15.45 -1.64
CA ASP B 140 -23.49 15.15 -3.03
C ASP B 140 -22.35 14.39 -3.71
N ILE B 141 -22.70 13.37 -4.46
CA ILE B 141 -21.72 12.60 -5.24
C ILE B 141 -22.12 12.70 -6.70
N PRO B 142 -21.33 13.34 -7.56
CA PRO B 142 -21.69 13.43 -8.98
C PRO B 142 -21.70 12.07 -9.64
N PRO B 143 -22.34 11.94 -10.81
CA PRO B 143 -22.31 10.66 -11.54
C PRO B 143 -20.88 10.26 -11.91
N GLY B 144 -20.64 8.95 -11.94
CA GLY B 144 -19.36 8.41 -12.37
C GLY B 144 -18.24 8.55 -11.37
N THR B 145 -18.55 8.87 -10.12
CA THR B 145 -17.53 9.04 -9.08
C THR B 145 -17.23 7.71 -8.41
N PHE B 146 -15.93 7.45 -8.18
CA PHE B 146 -15.55 6.31 -7.36
C PHE B 146 -15.98 6.52 -5.91
N VAL B 147 -16.76 5.58 -5.36
CA VAL B 147 -17.27 5.75 -4.00
C VAL B 147 -16.48 4.88 -3.01
N CYS B 148 -16.47 3.58 -3.23
CA CYS B 148 -15.74 2.68 -2.34
C CYS B 148 -15.47 1.36 -3.05
N GLU B 149 -14.48 0.64 -2.53
CA GLU B 149 -14.12 -0.69 -3.01
C GLU B 149 -14.82 -1.74 -2.15
N TYR B 150 -15.27 -2.82 -2.78
CA TYR B 150 -15.76 -3.98 -2.02
C TYR B 150 -14.53 -4.76 -1.52
N VAL B 151 -14.24 -4.64 -0.23
CA VAL B 151 -13.01 -5.14 0.36
C VAL B 151 -13.32 -6.24 1.37
N GLY B 152 -12.55 -7.31 1.30
CA GLY B 152 -12.68 -8.35 2.32
C GLY B 152 -11.62 -9.43 2.22
N GLU B 153 -12.01 -10.65 2.59
CA GLU B 153 -11.12 -11.80 2.59
C GLU B 153 -11.25 -12.50 1.24
N LEU B 154 -10.14 -12.62 0.52
CA LEU B 154 -10.17 -13.36 -0.75
C LEU B 154 -10.12 -14.85 -0.49
N ILE B 155 -11.07 -15.58 -1.07
CA ILE B 155 -11.21 -17.01 -0.85
C ILE B 155 -11.55 -17.69 -2.18
N SER B 156 -11.26 -18.98 -2.23
CA SER B 156 -11.63 -19.82 -3.37
C SER B 156 -13.11 -20.14 -3.32
N ASP B 157 -13.65 -20.55 -4.48
CA ASP B 157 -15.03 -21.02 -4.53
C ASP B 157 -15.22 -22.25 -3.65
N SER B 158 -14.23 -23.15 -3.62
CA SER B 158 -14.36 -24.33 -2.77
C SER B 158 -14.36 -23.96 -1.30
N GLU B 159 -13.65 -22.88 -0.92
CA GLU B 159 -13.72 -22.43 0.46
C GLU B 159 -15.07 -21.78 0.76
N ALA B 160 -15.59 -20.96 -0.16
CA ALA B 160 -16.92 -20.40 0.00
C ALA B 160 -17.99 -21.49 0.10
N ASP B 161 -17.77 -22.63 -0.56
CA ASP B 161 -18.72 -23.74 -0.52
C ASP B 161 -18.95 -24.30 0.89
N VAL B 162 -18.00 -24.11 1.81
CA VAL B 162 -18.08 -24.73 3.12
C VAL B 162 -18.22 -23.67 4.23
N ARG B 163 -18.62 -22.45 3.90
CA ARG B 163 -18.88 -21.42 4.90
C ARG B 163 -20.38 -21.22 5.06
N GLU B 164 -20.84 -21.26 6.31
CA GLU B 164 -22.27 -21.16 6.57
C GLU B 164 -22.80 -19.81 6.13
N GLU B 165 -22.07 -18.73 6.38
CA GLU B 165 -22.54 -17.43 5.91
C GLU B 165 -21.99 -16.93 4.59
N ASP B 166 -22.97 -16.70 3.70
CA ASP B 166 -22.83 -16.21 2.34
C ASP B 166 -23.57 -14.89 2.12
N SER B 167 -24.00 -14.20 3.19
CA SER B 167 -24.66 -12.89 3.03
C SER B 167 -23.68 -11.73 2.84
N TYR B 168 -22.37 -11.96 2.91
CA TYR B 168 -21.37 -10.92 2.69
C TYR B 168 -20.37 -11.39 1.65
N LEU B 169 -20.87 -12.02 0.58
CA LEU B 169 -20.03 -12.57 -0.47
C LEU B 169 -20.20 -11.79 -1.76
N PHE B 170 -19.08 -11.53 -2.41
CA PHE B 170 -19.04 -10.98 -3.77
C PHE B 170 -18.26 -11.95 -4.64
N ASP B 171 -18.89 -12.44 -5.70
CA ASP B 171 -18.22 -13.42 -6.54
C ASP B 171 -17.38 -12.68 -7.58
N LEU B 172 -16.11 -13.09 -7.67
CA LEU B 172 -15.18 -12.56 -8.68
C LEU B 172 -15.32 -13.52 -9.86
N ASP B 173 -16.07 -13.13 -10.89
CA ASP B 173 -16.37 -14.03 -12.01
C ASP B 173 -17.18 -15.20 -11.45
N GLY B 177 -14.33 -22.49 -14.65
CA GLY B 177 -12.99 -22.76 -14.14
C GLY B 177 -12.83 -22.30 -12.71
N GLU B 178 -11.57 -22.11 -12.28
CA GLU B 178 -11.30 -21.67 -10.92
C GLU B 178 -11.82 -20.26 -10.68
N VAL B 179 -12.75 -20.12 -9.74
CA VAL B 179 -13.38 -18.83 -9.45
C VAL B 179 -13.09 -18.47 -7.99
N TYR B 180 -13.10 -17.18 -7.72
CA TYR B 180 -12.76 -16.68 -6.39
C TYR B 180 -13.82 -15.70 -5.92
N CYS B 181 -13.79 -15.44 -4.62
CA CYS B 181 -14.81 -14.65 -3.95
C CYS B 181 -14.13 -13.69 -2.98
N ILE B 182 -14.80 -12.58 -2.70
CA ILE B 182 -14.45 -11.74 -1.55
C ILE B 182 -15.51 -12.00 -0.49
N ASP B 183 -15.08 -12.53 0.66
CA ASP B 183 -15.98 -12.73 1.79
C ASP B 183 -15.71 -11.61 2.80
N ALA B 184 -16.69 -10.71 2.97
CA ALA B 184 -16.55 -9.59 3.88
C ALA B 184 -17.17 -9.84 5.24
N ARG B 185 -17.47 -11.11 5.57
CA ARG B 185 -18.14 -11.40 6.84
C ARG B 185 -17.22 -11.14 8.01
N PHE B 186 -15.99 -11.67 7.96
CA PHE B 186 -15.07 -11.59 9.08
C PHE B 186 -14.06 -10.47 8.96
N TYR B 187 -13.67 -10.13 7.73
CA TYR B 187 -12.81 -9.00 7.42
C TYR B 187 -13.46 -8.24 6.29
N GLY B 188 -13.65 -6.94 6.48
CA GLY B 188 -14.26 -6.14 5.42
C GLY B 188 -14.10 -4.67 5.75
N ASN B 189 -14.41 -3.86 4.74
CA ASN B 189 -14.44 -2.41 4.89
C ASN B 189 -15.91 -1.98 4.88
N VAL B 190 -16.15 -0.69 4.60
CA VAL B 190 -17.48 -0.09 4.70
C VAL B 190 -18.46 -0.76 3.73
N SER B 191 -17.96 -1.31 2.61
CA SER B 191 -18.84 -1.86 1.58
C SER B 191 -19.66 -3.04 2.09
N ARG B 192 -19.20 -3.70 3.16
CA ARG B 192 -19.93 -4.84 3.72
C ARG B 192 -21.28 -4.46 4.28
N PHE B 193 -21.53 -3.17 4.52
CA PHE B 193 -22.78 -2.71 5.11
C PHE B 193 -23.76 -2.15 4.09
N ILE B 194 -23.39 -2.10 2.81
CA ILE B 194 -24.24 -1.56 1.77
C ILE B 194 -25.35 -2.56 1.46
N ASN B 195 -26.60 -2.09 1.49
CA ASN B 195 -27.72 -2.95 1.18
C ASN B 195 -27.98 -3.04 -0.33
N HIS B 196 -28.76 -4.06 -0.71
CA HIS B 196 -29.14 -4.22 -2.10
C HIS B 196 -30.25 -3.27 -2.51
N HIS B 197 -30.14 -2.73 -3.72
CA HIS B 197 -31.22 -1.97 -4.35
C HIS B 197 -31.37 -2.44 -5.80
N CYS B 198 -32.63 -2.57 -6.26
CA CYS B 198 -32.89 -3.08 -7.60
C CYS B 198 -32.70 -2.02 -8.69
N GLU B 199 -32.66 -0.73 -8.35
CA GLU B 199 -32.33 0.34 -9.28
C GLU B 199 -31.18 1.12 -8.64
N PRO B 200 -29.99 0.53 -8.61
CA PRO B 200 -28.94 0.96 -7.68
C PRO B 200 -28.24 2.23 -8.09
N ASN B 201 -27.77 2.98 -7.08
CA ASN B 201 -26.98 4.18 -7.35
C ASN B 201 -25.49 3.89 -7.39
N LEU B 202 -25.08 2.63 -7.17
CA LEU B 202 -23.70 2.19 -7.35
C LEU B 202 -23.66 1.03 -8.33
N VAL B 203 -22.61 0.96 -9.16
CA VAL B 203 -22.37 -0.18 -10.02
C VAL B 203 -20.95 -0.70 -9.73
N PRO B 204 -20.77 -2.00 -9.55
CA PRO B 204 -19.41 -2.54 -9.38
C PRO B 204 -18.68 -2.67 -10.71
N VAL B 205 -17.41 -2.28 -10.68
CA VAL B 205 -16.51 -2.30 -11.83
C VAL B 205 -15.25 -3.08 -11.45
N ARG B 206 -14.84 -4.00 -12.33
CA ARG B 206 -13.64 -4.80 -12.11
C ARG B 206 -12.42 -3.99 -12.53
N VAL B 207 -11.46 -3.81 -11.62
CA VAL B 207 -10.32 -2.92 -11.86
C VAL B 207 -9.02 -3.66 -11.53
N PHE B 208 -7.97 -3.36 -12.31
CA PHE B 208 -6.63 -3.88 -12.06
C PHE B 208 -5.66 -2.73 -11.88
N MET B 209 -4.77 -2.87 -10.90
CA MET B 209 -3.91 -1.78 -10.46
C MET B 209 -2.50 -2.37 -10.29
N ALA B 210 -2.14 -2.77 -9.05
CA ALA B 210 -0.79 -3.23 -8.75
C ALA B 210 -0.44 -4.56 -9.41
N HIS B 211 -1.44 -5.39 -9.77
CA HIS B 211 -1.21 -6.64 -10.48
C HIS B 211 -2.26 -6.79 -11.58
N GLN B 212 -2.02 -7.70 -12.52
CA GLN B 212 -2.98 -7.95 -13.60
C GLN B 212 -3.31 -9.42 -13.71
N ASP B 213 -3.47 -10.06 -12.55
CA ASP B 213 -3.94 -11.45 -12.46
C ASP B 213 -5.45 -11.41 -12.67
N LEU B 214 -5.91 -11.84 -13.85
CA LEU B 214 -7.31 -11.70 -14.22
C LEU B 214 -8.25 -12.51 -13.33
N ARG B 215 -7.74 -13.45 -12.54
CA ARG B 215 -8.57 -14.16 -11.57
C ARG B 215 -9.01 -13.27 -10.41
N PHE B 216 -8.31 -12.16 -10.20
CA PHE B 216 -8.48 -11.35 -8.99
C PHE B 216 -8.72 -9.88 -9.35
N PRO B 217 -9.81 -9.57 -10.02
CA PRO B 217 -10.18 -8.16 -10.15
C PRO B 217 -10.45 -7.57 -8.78
N ARG B 218 -10.22 -6.28 -8.65
CA ARG B 218 -10.72 -5.56 -7.50
C ARG B 218 -12.02 -4.89 -7.89
N ILE B 219 -12.93 -4.79 -6.93
CA ILE B 219 -14.30 -4.39 -7.19
C ILE B 219 -14.49 -2.96 -6.71
N ALA B 220 -14.66 -2.03 -7.64
CA ALA B 220 -14.82 -0.62 -7.34
C ALA B 220 -16.25 -0.19 -7.65
N PHE B 221 -16.92 0.39 -6.66
CA PHE B 221 -18.26 0.94 -6.86
C PHE B 221 -18.15 2.38 -7.36
N PHE B 222 -18.77 2.65 -8.49
CA PHE B 222 -18.89 4.00 -9.02
C PHE B 222 -20.37 4.38 -8.98
N SER B 223 -20.63 5.67 -8.81
CA SER B 223 -22.00 6.17 -8.78
C SER B 223 -22.62 6.18 -10.18
N THR B 224 -23.86 5.70 -10.28
CA THR B 224 -24.55 5.59 -11.57
C THR B 224 -25.33 6.85 -11.92
N ARG B 225 -25.43 7.79 -10.97
CA ARG B 225 -26.21 9.01 -11.08
C ARG B 225 -25.74 9.93 -9.97
N LEU B 226 -26.25 11.15 -9.98
CA LEU B 226 -26.02 12.05 -8.85
C LEU B 226 -26.66 11.46 -7.61
N ILE B 227 -25.84 11.18 -6.60
CA ILE B 227 -26.31 10.75 -5.29
C ILE B 227 -26.40 11.97 -4.41
N GLU B 228 -27.57 12.20 -3.83
CA GLU B 228 -27.76 13.41 -3.06
C GLU B 228 -27.33 13.18 -1.62
N ALA B 229 -26.95 14.27 -0.96
CA ALA B 229 -26.53 14.20 0.43
C ALA B 229 -27.63 13.57 1.27
N GLY B 230 -27.26 12.56 2.07
CA GLY B 230 -28.21 11.84 2.89
C GLY B 230 -28.73 10.55 2.29
N GLU B 231 -28.49 10.32 1.01
CA GLU B 231 -29.01 9.13 0.32
C GLU B 231 -28.30 7.87 0.76
N GLN B 232 -29.05 6.79 0.91
CA GLN B 232 -28.43 5.51 1.20
C GLN B 232 -27.79 4.95 -0.06
N LEU B 233 -26.61 4.35 0.08
CA LEU B 233 -25.99 3.67 -1.06
C LEU B 233 -26.61 2.30 -1.26
N GLY B 234 -26.60 1.85 -2.51
CA GLY B 234 -27.08 0.53 -2.83
C GLY B 234 -26.42 0.05 -4.11
N PHE B 235 -26.22 -1.27 -4.19
CA PHE B 235 -25.87 -1.90 -5.46
C PHE B 235 -26.72 -3.16 -5.61
N ASP B 236 -26.68 -3.73 -6.80
CA ASP B 236 -27.50 -4.90 -7.12
C ASP B 236 -26.68 -6.14 -6.75
N TYR B 237 -27.13 -6.87 -5.72
CA TYR B 237 -26.40 -8.06 -5.29
C TYR B 237 -26.36 -9.13 -6.38
N GLY B 238 -27.28 -9.08 -7.34
CA GLY B 238 -27.26 -10.03 -8.43
C GLY B 238 -28.14 -11.26 -8.21
N GLU B 239 -28.15 -12.10 -9.24
CA GLU B 239 -29.10 -13.21 -9.30
C GLU B 239 -28.72 -14.36 -8.37
N ARG B 240 -27.42 -14.61 -8.14
CA ARG B 240 -27.08 -15.72 -7.25
C ARG B 240 -27.52 -15.45 -5.82
N PHE B 241 -27.28 -14.23 -5.32
CA PHE B 241 -27.72 -13.89 -3.96
C PHE B 241 -29.22 -14.12 -3.83
N TRP B 242 -30.01 -13.64 -4.80
CA TRP B 242 -31.45 -13.68 -4.63
C TRP B 242 -32.04 -15.05 -4.92
N ASP B 243 -31.38 -15.86 -5.76
CA ASP B 243 -31.81 -17.26 -5.92
C ASP B 243 -31.74 -18.01 -4.60
N ILE B 244 -30.78 -17.64 -3.75
CA ILE B 244 -30.60 -18.29 -2.45
C ILE B 244 -31.46 -17.62 -1.38
N LYS B 245 -31.35 -16.29 -1.22
CA LYS B 245 -32.00 -15.61 -0.11
C LYS B 245 -33.48 -15.33 -0.35
N GLY B 246 -33.91 -15.32 -1.62
CA GLY B 246 -35.32 -15.15 -1.91
C GLY B 246 -36.19 -16.20 -1.26
N LYS B 247 -35.62 -17.38 -0.96
CA LYS B 247 -36.32 -18.41 -0.22
C LYS B 247 -36.65 -17.98 1.21
N LEU B 248 -35.86 -17.07 1.77
CA LEU B 248 -35.97 -16.70 3.18
C LEU B 248 -36.66 -15.35 3.39
N PHE B 249 -36.39 -14.37 2.53
CA PHE B 249 -37.02 -13.06 2.64
C PHE B 249 -37.10 -12.43 1.27
N SER B 250 -37.95 -11.41 1.15
CA SER B 250 -38.13 -10.69 -0.09
C SER B 250 -37.45 -9.32 -0.01
N CYS B 251 -37.22 -8.73 -1.17
CA CYS B 251 -36.50 -7.46 -1.24
C CYS B 251 -37.33 -6.32 -0.63
N ARG B 252 -36.66 -5.47 0.14
CA ARG B 252 -37.32 -4.31 0.74
C ARG B 252 -36.75 -3.00 0.20
N CYS B 253 -36.12 -3.03 -0.99
CA CYS B 253 -35.54 -1.81 -1.53
C CYS B 253 -36.62 -0.76 -1.77
N GLY B 254 -37.85 -1.18 -2.06
CA GLY B 254 -38.94 -0.26 -2.24
C GLY B 254 -39.02 0.40 -3.60
N SER B 255 -38.20 -0.02 -4.55
CA SER B 255 -38.24 0.58 -5.88
C SER B 255 -39.55 0.23 -6.58
N PRO B 256 -40.17 1.18 -7.29
CA PRO B 256 -41.32 0.82 -8.14
C PRO B 256 -40.97 -0.18 -9.22
N LYS B 257 -39.69 -0.40 -9.48
CA LYS B 257 -39.22 -1.42 -10.41
C LYS B 257 -38.48 -2.55 -9.70
N CYS B 258 -38.84 -2.84 -8.45
CA CYS B 258 -38.14 -3.87 -7.68
C CYS B 258 -38.38 -5.22 -8.35
N ARG B 259 -37.33 -6.04 -8.41
CA ARG B 259 -37.36 -7.31 -9.12
C ARG B 259 -37.35 -8.52 -8.20
N HIS B 260 -37.35 -8.32 -6.88
CA HIS B 260 -37.23 -9.42 -5.92
C HIS B 260 -38.21 -9.29 -4.75
N SER B 261 -39.32 -8.58 -4.92
CA SER B 261 -40.29 -8.36 -3.84
C SER B 261 -41.16 -9.57 -3.60
#